data_3T5G
#
_entry.id   3T5G
#
_cell.length_a   47.890
_cell.length_b   57.380
_cell.length_c   134.520
_cell.angle_alpha   90.00
_cell.angle_beta   90.00
_cell.angle_gamma   90.00
#
_symmetry.space_group_name_H-M   'P 21 21 21'
#
loop_
_entity.id
_entity.type
_entity.pdbx_description
1 polymer 'GTP-binding protein Rheb'
2 polymer "Retinal rod rhodopsin-sensitive cGMP 3',5'-cyclic phosphodiesterase subunit delta"
3 non-polymer "GUANOSINE-5'-DIPHOSPHATE"
4 non-polymer 'MAGNESIUM ION'
5 non-polymer FARNESYL
6 water water
#
loop_
_entity_poly.entity_id
_entity_poly.type
_entity_poly.pdbx_seq_one_letter_code
_entity_poly.pdbx_strand_id
1 'polypeptide(L)'
;MPQSKSRKIAILGYRSVGKSSLTIQFVEGQFVDSYDPTIENTFTKLITVNGQEYHLQLVDTAGQDEYSIFPQTYSIDING
YILVYSVTSIKSFEVIKVIHGKLLDMVGKVQIPIMLVGNKKDLHMERVISYEEGKALAESWNAAFLESSAKENQTAVDVF
RRIILEAEKMDGACSQGKSS(CMT)
;
A
2 'polypeptide(L)'
;GSMSAKDERAREILRGFKLNWMNLRDAETGKILWQGTEDLSVPGVEHEARVPKKILKCKAVSRELNFSSTEQMEKFRLEQ
KVYFKGQCLEEWFFEFGFVIPNSTNTWQSLIEAAPESQMMPASVLTGNVIIETKFFDDDLLVSTSRVRLFYV
;
B
#
# COMPACT_ATOMS: atom_id res chain seq x y z
N PRO A 2 -3.93 7.97 -6.85
CA PRO A 2 -4.85 7.72 -5.74
C PRO A 2 -4.97 8.90 -4.79
N GLN A 3 -6.20 9.30 -4.49
CA GLN A 3 -6.48 10.39 -3.57
CA GLN A 3 -6.46 10.40 -3.57
C GLN A 3 -6.01 10.05 -2.15
N SER A 4 -6.13 8.78 -1.78
CA SER A 4 -5.75 8.31 -0.45
C SER A 4 -5.01 6.96 -0.53
N LYS A 5 -3.76 6.93 -0.08
CA LYS A 5 -2.96 5.71 -0.16
C LYS A 5 -3.00 4.99 1.19
N SER A 6 -3.48 3.75 1.17
CA SER A 6 -3.59 2.96 2.40
C SER A 6 -2.24 2.35 2.77
N ARG A 7 -1.85 2.50 4.04
CA ARG A 7 -0.61 1.90 4.55
C ARG A 7 -0.87 1.27 5.92
N LYS A 8 -0.23 0.13 6.20
CA LYS A 8 -0.35 -0.54 7.49
C LYS A 8 1.00 -0.47 8.22
N ILE A 9 0.98 0.00 9.46
CA ILE A 9 2.21 0.23 10.23
C ILE A 9 2.11 -0.51 11.56
N ALA A 10 3.14 -1.28 11.90
CA ALA A 10 3.20 -1.98 13.18
C ALA A 10 4.08 -1.21 14.14
N ILE A 11 3.58 -1.02 15.37
CA ILE A 11 4.33 -0.30 16.39
C ILE A 11 4.77 -1.34 17.43
N LEU A 12 6.09 -1.53 17.55
CA LEU A 12 6.68 -2.60 18.37
C LEU A 12 7.49 -2.02 19.53
N GLY A 13 7.62 -2.82 20.59
CA GLY A 13 8.50 -2.44 21.69
C GLY A 13 8.11 -3.06 23.02
N TYR A 14 9.01 -2.91 23.99
CA TYR A 14 8.83 -3.38 25.36
C TYR A 14 7.63 -2.71 26.02
N ARG A 15 6.98 -3.43 26.93
CA ARG A 15 5.88 -2.88 27.72
C ARG A 15 6.30 -1.58 28.40
N SER A 16 5.38 -0.60 28.39
CA SER A 16 5.52 0.66 29.12
CA SER A 16 5.49 0.67 29.09
C SER A 16 6.43 1.72 28.46
N VAL A 17 6.86 1.47 27.24
CA VAL A 17 7.71 2.47 26.54
C VAL A 17 6.92 3.66 26.01
N GLY A 18 5.61 3.49 25.82
CA GLY A 18 4.76 4.57 25.35
C GLY A 18 4.17 4.35 23.97
N LYS A 19 4.09 3.09 23.54
CA LYS A 19 3.51 2.74 22.24
C LYS A 19 2.07 3.25 22.12
N SER A 20 1.23 2.90 23.08
CA SER A 20 -0.17 3.33 23.06
C SER A 20 -0.33 4.83 23.18
N SER A 21 0.42 5.45 24.08
CA SER A 21 0.34 6.90 24.29
C SER A 21 0.79 7.69 23.06
N LEU A 22 1.85 7.24 22.38
CA LEU A 22 2.30 7.90 21.15
C LEU A 22 1.25 7.82 20.06
N THR A 23 0.70 6.62 19.91
CA THR A 23 -0.28 6.35 18.87
C THR A 23 -1.56 7.17 19.11
N ILE A 24 -2.02 7.19 20.36
CA ILE A 24 -3.23 7.94 20.70
C ILE A 24 -3.04 9.47 20.59
N GLN A 25 -1.85 9.96 20.96
CA GLN A 25 -1.52 11.38 20.78
C GLN A 25 -1.63 11.76 19.31
N PHE A 26 -1.09 10.90 18.45
CA PHE A 26 -1.18 11.10 17.02
C PHE A 26 -2.63 11.04 16.52
N VAL A 27 -3.33 9.96 16.87
CA VAL A 27 -4.67 9.69 16.32
C VAL A 27 -5.76 10.62 16.88
N GLU A 28 -5.74 10.82 18.19
CA GLU A 28 -6.81 11.53 18.91
C GLU A 28 -6.43 12.95 19.32
N GLY A 29 -5.13 13.23 19.32
CA GLY A 29 -4.62 14.57 19.66
C GLY A 29 -4.64 14.87 21.14
N GLN A 30 -4.65 13.81 21.96
CA GLN A 30 -4.60 13.93 23.41
C GLN A 30 -3.58 12.97 24.01
N PHE A 31 -3.08 13.33 25.19
CA PHE A 31 -2.28 12.41 25.99
C PHE A 31 -3.24 11.65 26.90
N VAL A 32 -3.43 10.37 26.58
CA VAL A 32 -4.38 9.52 27.28
C VAL A 32 -3.93 9.31 28.73
N ASP A 33 -4.86 9.41 29.66
CA ASP A 33 -4.50 9.24 31.08
C ASP A 33 -3.87 7.87 31.31
N SER A 34 -4.58 6.83 30.87
CA SER A 34 -4.08 5.46 30.92
C SER A 34 -4.77 4.63 29.86
N TYR A 35 -4.03 3.69 29.29
CA TYR A 35 -4.57 2.81 28.29
C TYR A 35 -4.04 1.41 28.55
N ASP A 36 -4.96 0.46 28.66
CA ASP A 36 -4.65 -0.92 29.08
C ASP A 36 -3.37 -1.46 28.45
N PRO A 37 -2.32 -1.67 29.28
CA PRO A 37 -1.02 -2.18 28.83
C PRO A 37 -1.10 -3.49 28.06
N THR A 38 -2.13 -4.29 28.36
CA THR A 38 -2.24 -5.63 27.80
C THR A 38 -2.95 -5.70 26.45
N ILE A 39 -3.62 -4.61 26.07
CA ILE A 39 -4.46 -4.63 24.88
C ILE A 39 -3.72 -4.25 23.58
N GLU A 40 -3.85 -5.13 22.60
CA GLU A 40 -3.38 -4.92 21.24
C GLU A 40 -4.58 -4.48 20.39
N ASN A 41 -4.53 -3.27 19.85
CA ASN A 41 -5.64 -2.72 19.06
C ASN A 41 -5.15 -2.04 17.78
N THR A 42 -6.07 -1.83 16.86
CA THR A 42 -5.76 -1.14 15.62
C THR A 42 -6.42 0.24 15.64
N PHE A 43 -5.64 1.24 15.22
CA PHE A 43 -6.12 2.60 15.13
C PHE A 43 -6.11 3.02 13.68
N THR A 44 -7.05 3.90 13.31
CA THR A 44 -7.17 4.38 11.94
C THR A 44 -7.02 5.90 11.92
N LYS A 45 -6.20 6.41 11.01
CA LYS A 45 -5.91 7.85 10.96
C LYS A 45 -5.50 8.31 9.56
N LEU A 46 -6.04 9.46 9.14
CA LEU A 46 -5.62 10.11 7.91
C LEU A 46 -4.51 11.10 8.20
N ILE A 47 -3.49 11.11 7.35
CA ILE A 47 -2.42 12.10 7.43
C ILE A 47 -1.91 12.48 6.04
N THR A 48 -1.60 13.76 5.86
CA THR A 48 -1.07 14.24 4.58
C THR A 48 0.43 14.42 4.69
N VAL A 49 1.16 13.86 3.72
CA VAL A 49 2.61 13.92 3.70
C VAL A 49 3.02 14.35 2.29
N ASN A 50 3.64 15.53 2.22
CA ASN A 50 4.00 16.14 0.93
C ASN A 50 2.82 16.21 -0.02
N GLY A 51 1.66 16.59 0.51
CA GLY A 51 0.47 16.82 -0.31
C GLY A 51 -0.34 15.59 -0.65
N GLN A 52 0.18 14.41 -0.31
CA GLN A 52 -0.52 13.14 -0.55
C GLN A 52 -1.18 12.67 0.75
N GLU A 53 -2.48 12.42 0.70
CA GLU A 53 -3.16 11.84 1.85
C GLU A 53 -2.84 10.35 1.95
N TYR A 54 -2.55 9.91 3.18
CA TYR A 54 -2.40 8.49 3.49
C TYR A 54 -3.44 8.07 4.50
N HIS A 55 -3.98 6.87 4.32
CA HIS A 55 -4.94 6.30 5.25
C HIS A 55 -4.18 5.26 6.05
N LEU A 56 -3.96 5.53 7.34
CA LEU A 56 -3.09 4.67 8.14
C LEU A 56 -3.85 3.66 8.99
N GLN A 57 -3.43 2.40 8.89
CA GLN A 57 -3.87 1.34 9.76
C GLN A 57 -2.71 1.07 10.72
N LEU A 58 -2.90 1.44 11.98
CA LEU A 58 -1.81 1.40 12.96
C LEU A 58 -2.03 0.30 13.96
N VAL A 59 -1.12 -0.67 13.97
CA VAL A 59 -1.23 -1.81 14.89
C VAL A 59 -0.37 -1.53 16.12
N ASP A 60 -1.07 -1.19 17.20
CA ASP A 60 -0.45 -0.90 18.49
C ASP A 60 -0.34 -2.24 19.22
N THR A 61 0.86 -2.83 19.18
CA THR A 61 1.08 -4.19 19.71
C THR A 61 1.20 -4.20 21.23
N ALA A 62 0.92 -5.36 21.82
CA ALA A 62 0.91 -5.52 23.28
C ALA A 62 2.29 -5.81 23.86
N GLY A 63 3.32 -5.58 23.05
CA GLY A 63 4.69 -5.53 23.55
C GLY A 63 5.34 -6.89 23.72
N GLN A 64 6.59 -6.95 23.30
CA GLN A 64 7.34 -8.17 23.39
C GLN A 64 8.49 -7.92 24.33
N ASP A 65 8.99 -8.97 24.97
CA ASP A 65 10.27 -8.86 25.62
C ASP A 65 11.27 -9.74 24.87
N GLU A 66 12.45 -9.92 25.44
CA GLU A 66 13.53 -10.60 24.76
C GLU A 66 13.24 -12.09 24.57
N TYR A 67 12.25 -12.62 25.28
CA TYR A 67 11.92 -14.05 25.22
C TYR A 67 10.67 -14.36 24.42
N SER A 68 10.10 -13.33 23.78
CA SER A 68 8.83 -13.49 23.09
C SER A 68 9.03 -14.04 21.67
N ILE A 69 8.18 -14.98 21.28
CA ILE A 69 8.12 -15.39 19.89
C ILE A 69 7.58 -14.20 19.08
N PHE A 70 8.15 -13.98 17.90
CA PHE A 70 7.68 -12.88 17.06
C PHE A 70 6.41 -13.31 16.34
N PRO A 71 5.27 -12.65 16.65
CA PRO A 71 3.98 -13.04 16.06
C PRO A 71 3.96 -12.88 14.53
N GLN A 72 3.52 -13.92 13.82
CA GLN A 72 3.45 -13.88 12.36
C GLN A 72 2.58 -12.71 11.89
N THR A 73 1.59 -12.37 12.69
CA THR A 73 0.67 -11.26 12.41
C THR A 73 1.30 -9.86 12.52
N TYR A 74 2.54 -9.78 13.03
CA TYR A 74 3.28 -8.51 13.03
C TYR A 74 4.08 -8.37 11.75
N SER A 75 3.95 -9.34 10.85
CA SER A 75 4.76 -9.42 9.64
C SER A 75 3.94 -9.37 8.35
N ILE A 76 2.68 -9.77 8.42
CA ILE A 76 1.85 -9.90 7.22
C ILE A 76 1.25 -8.56 6.80
N ASP A 77 1.51 -8.17 5.55
CA ASP A 77 0.94 -6.95 4.92
C ASP A 77 1.36 -5.64 5.60
N ILE A 78 2.57 -5.62 6.16
CA ILE A 78 3.08 -4.41 6.85
C ILE A 78 3.92 -3.53 5.91
N ASN A 79 3.60 -2.24 5.88
CA ASN A 79 4.30 -1.28 5.04
C ASN A 79 5.45 -0.58 5.75
N GLY A 80 5.48 -0.67 7.08
CA GLY A 80 6.53 -0.01 7.87
C GLY A 80 6.44 -0.33 9.34
N TYR A 81 7.59 -0.34 10.00
CA TYR A 81 7.69 -0.68 11.42
C TYR A 81 8.23 0.50 12.20
N ILE A 82 7.57 0.81 13.31
CA ILE A 82 8.07 1.79 14.27
C ILE A 82 8.50 1.01 15.50
N LEU A 83 9.79 1.08 15.82
CA LEU A 83 10.33 0.35 16.95
C LEU A 83 10.63 1.35 18.06
N VAL A 84 9.94 1.18 19.19
CA VAL A 84 9.96 2.19 20.23
C VAL A 84 10.69 1.67 21.46
N TYR A 85 11.54 2.52 22.04
CA TYR A 85 12.05 2.27 23.39
C TYR A 85 11.83 3.53 24.22
N SER A 86 12.10 3.46 25.52
CA SER A 86 12.04 4.63 26.39
C SER A 86 13.45 5.08 26.76
N VAL A 87 13.72 6.37 26.64
CA VAL A 87 15.05 6.93 26.99
C VAL A 87 15.35 6.80 28.49
N THR A 88 14.34 6.41 29.26
CA THR A 88 14.45 6.22 30.71
C THR A 88 14.65 4.74 31.12
N SER A 89 14.69 3.85 30.14
CA SER A 89 14.81 2.41 30.41
C SER A 89 15.86 1.71 29.56
N ILE A 90 16.99 1.37 30.18
CA ILE A 90 18.01 0.56 29.51
C ILE A 90 17.44 -0.80 29.09
N LYS A 91 16.62 -1.42 29.92
CA LYS A 91 15.97 -2.68 29.55
C LYS A 91 15.24 -2.55 28.21
N SER A 92 14.46 -1.48 28.04
CA SER A 92 13.66 -1.30 26.80
C SER A 92 14.55 -1.16 25.57
N PHE A 93 15.72 -0.55 25.75
CA PHE A 93 16.69 -0.37 24.68
C PHE A 93 17.35 -1.72 24.30
N GLU A 94 17.69 -2.51 25.31
CA GLU A 94 18.22 -3.86 25.09
C GLU A 94 17.20 -4.72 24.33
N VAL A 95 15.94 -4.63 24.76
CA VAL A 95 14.85 -5.40 24.16
C VAL A 95 14.58 -5.01 22.71
N ILE A 96 14.67 -3.72 22.39
CA ILE A 96 14.38 -3.29 21.02
C ILE A 96 15.41 -3.84 20.01
N LYS A 97 16.65 -4.05 20.48
CA LYS A 97 17.68 -4.69 19.67
C LYS A 97 17.31 -6.14 19.37
N VAL A 98 16.75 -6.82 20.37
CA VAL A 98 16.34 -8.23 20.23
C VAL A 98 15.13 -8.33 19.29
N ILE A 99 14.15 -7.44 19.48
CA ILE A 99 12.97 -7.40 18.61
C ILE A 99 13.36 -7.16 17.14
N HIS A 100 14.27 -6.23 16.91
CA HIS A 100 14.77 -5.94 15.57
C HIS A 100 15.38 -7.17 14.90
N GLY A 101 16.18 -7.92 15.64
CA GLY A 101 16.80 -9.14 15.15
C GLY A 101 15.77 -10.18 14.77
N LYS A 102 14.73 -10.33 15.60
CA LYS A 102 13.68 -11.30 15.33
C LYS A 102 12.82 -10.85 14.16
N LEU A 103 12.60 -9.54 14.06
CA LEU A 103 11.91 -8.96 12.91
C LEU A 103 12.62 -9.28 11.59
N LEU A 104 13.93 -9.05 11.56
CA LEU A 104 14.72 -9.36 10.37
C LEU A 104 14.70 -10.85 10.03
N ASP A 105 14.69 -11.70 11.06
CA ASP A 105 14.57 -13.15 10.87
C ASP A 105 13.26 -13.53 10.18
N MET A 106 12.18 -12.81 10.49
CA MET A 106 10.84 -13.06 9.96
CA MET A 106 10.87 -13.12 9.94
C MET A 106 10.68 -12.60 8.52
N VAL A 107 11.28 -11.45 8.21
CA VAL A 107 11.15 -10.84 6.89
C VAL A 107 12.43 -11.06 6.10
N ILE A 112 11.73 -3.31 3.79
CA ILE A 112 11.48 -3.18 5.23
C ILE A 112 11.79 -1.76 5.73
N PRO A 113 10.82 -0.83 5.60
CA PRO A 113 10.97 0.51 6.19
C PRO A 113 10.92 0.41 7.71
N ILE A 114 12.01 0.77 8.38
CA ILE A 114 12.07 0.71 9.84
C ILE A 114 12.47 2.06 10.38
N MET A 115 11.84 2.48 11.46
CA MET A 115 12.37 3.61 12.19
C MET A 115 12.46 3.28 13.67
N LEU A 116 13.40 3.92 14.33
CA LEU A 116 13.65 3.72 15.74
C LEU A 116 13.24 4.98 16.49
N VAL A 117 12.48 4.83 17.58
CA VAL A 117 11.97 5.99 18.31
C VAL A 117 12.34 5.90 19.78
N GLY A 118 13.05 6.91 20.29
CA GLY A 118 13.32 7.03 21.72
C GLY A 118 12.27 7.90 22.35
N ASN A 119 11.37 7.27 23.12
CA ASN A 119 10.23 7.99 23.72
C ASN A 119 10.51 8.48 25.14
N LYS A 120 9.62 9.34 25.65
CA LYS A 120 9.71 9.92 27.00
C LYS A 120 10.84 10.94 27.15
N LYS A 121 11.12 11.67 26.08
CA LYS A 121 12.21 12.65 26.09
C LYS A 121 11.93 13.82 27.05
N ASP A 122 10.69 13.95 27.51
CA ASP A 122 10.33 14.99 28.49
C ASP A 122 10.86 14.71 29.90
N LEU A 123 11.13 13.44 30.19
CA LEU A 123 11.55 13.00 31.51
C LEU A 123 13.07 13.13 31.70
N HIS A 124 13.53 14.37 31.71
CA HIS A 124 14.97 14.69 31.72
C HIS A 124 15.70 14.16 32.95
N MET A 125 15.02 14.08 34.09
CA MET A 125 15.64 13.55 35.31
C MET A 125 15.77 12.02 35.32
N GLU A 126 15.00 11.34 34.48
CA GLU A 126 15.01 9.89 34.46
C GLU A 126 15.76 9.32 33.26
N ARG A 127 16.21 10.19 32.35
CA ARG A 127 16.91 9.74 31.15
C ARG A 127 18.20 9.01 31.46
N VAL A 128 18.39 7.86 30.83
CA VAL A 128 19.62 7.08 30.96
C VAL A 128 20.26 6.74 29.62
N ILE A 129 19.55 7.02 28.53
CA ILE A 129 20.05 6.80 27.18
C ILE A 129 20.12 8.13 26.45
N SER A 130 21.31 8.47 25.95
CA SER A 130 21.48 9.69 25.17
C SER A 130 20.87 9.59 23.78
N TYR A 131 20.56 10.74 23.20
CA TYR A 131 20.16 10.84 21.80
C TYR A 131 21.16 10.11 20.91
N GLU A 132 22.45 10.35 21.17
CA GLU A 132 23.53 9.84 20.32
C GLU A 132 23.60 8.30 20.28
N GLU A 133 23.30 7.65 21.41
CA GLU A 133 23.28 6.18 21.46
C GLU A 133 22.13 5.59 20.64
N GLY A 134 20.95 6.20 20.72
CA GLY A 134 19.85 5.79 19.86
C GLY A 134 20.18 6.00 18.39
N LYS A 135 20.67 7.19 18.08
CA LYS A 135 21.06 7.54 16.72
C LYS A 135 22.07 6.53 16.13
N ALA A 136 23.07 6.15 16.92
CA ALA A 136 24.09 5.20 16.47
C ALA A 136 23.49 3.83 16.16
N LEU A 137 22.54 3.40 16.99
CA LEU A 137 21.83 2.13 16.76
C LEU A 137 21.05 2.18 15.43
N ALA A 138 20.30 3.27 15.23
CA ALA A 138 19.51 3.45 14.01
C ALA A 138 20.38 3.47 12.75
N GLU A 139 21.52 4.16 12.83
CA GLU A 139 22.49 4.19 11.72
C GLU A 139 22.99 2.79 11.35
N SER A 140 23.24 1.96 12.36
CA SER A 140 23.71 0.59 12.16
C SER A 140 22.65 -0.28 11.48
N TRP A 141 21.38 0.11 11.64
CA TRP A 141 20.25 -0.56 11.02
C TRP A 141 19.88 0.05 9.67
N ASN A 142 20.56 1.14 9.31
CA ASN A 142 20.15 2.01 8.20
C ASN A 142 18.68 2.44 8.33
N ALA A 143 18.31 2.82 9.55
CA ALA A 143 16.94 3.24 9.88
C ALA A 143 16.91 4.72 10.26
N ALA A 144 15.73 5.32 10.10
CA ALA A 144 15.46 6.66 10.60
C ALA A 144 15.42 6.67 12.12
N PHE A 145 15.81 7.81 12.72
CA PHE A 145 15.77 7.97 14.16
C PHE A 145 15.10 9.27 14.59
N LEU A 146 14.19 9.17 15.55
CA LEU A 146 13.62 10.35 16.20
C LEU A 146 13.47 10.09 17.69
N GLU A 147 13.54 11.16 18.47
CA GLU A 147 13.08 11.08 19.86
C GLU A 147 11.72 11.74 19.94
N SER A 148 10.95 11.34 20.95
CA SER A 148 9.57 11.78 21.08
C SER A 148 9.13 11.89 22.53
N SER A 149 8.03 12.62 22.71
CA SER A 149 7.26 12.58 23.95
C SER A 149 5.79 12.47 23.56
N ALA A 150 5.11 11.50 24.16
CA ALA A 150 3.69 11.30 23.93
C ALA A 150 2.85 12.45 24.48
N LYS A 151 3.48 13.29 25.32
CA LYS A 151 2.82 14.49 25.86
C LYS A 151 2.87 15.69 24.90
N GLU A 152 3.68 15.57 23.85
CA GLU A 152 3.89 16.66 22.89
C GLU A 152 3.42 16.25 21.50
N ASN A 153 2.24 16.74 21.11
CA ASN A 153 1.58 16.32 19.86
C ASN A 153 2.46 16.35 18.61
N GLN A 154 3.19 17.45 18.39
CA GLN A 154 3.98 17.56 17.15
C GLN A 154 5.03 16.46 17.05
N THR A 155 5.61 16.04 18.17
CA THR A 155 6.64 14.98 18.13
C THR A 155 6.06 13.60 17.80
N ALA A 156 4.79 13.38 18.16
CA ALA A 156 4.08 12.16 17.78
C ALA A 156 3.71 12.18 16.29
N VAL A 157 3.14 13.30 15.84
CA VAL A 157 2.86 13.52 14.43
C VAL A 157 4.14 13.33 13.59
N ASP A 158 5.26 13.87 14.07
CA ASP A 158 6.52 13.78 13.35
C ASP A 158 6.97 12.34 13.12
N VAL A 159 6.73 11.48 14.11
CA VAL A 159 7.09 10.05 14.01
C VAL A 159 6.33 9.37 12.88
N PHE A 160 5.02 9.61 12.81
CA PHE A 160 4.21 8.95 11.79
C PHE A 160 4.42 9.51 10.40
N ARG A 161 4.69 10.81 10.29
CA ARG A 161 5.06 11.36 9.00
C ARG A 161 6.39 10.78 8.49
N ARG A 162 7.34 10.58 9.40
CA ARG A 162 8.65 10.10 9.01
C ARG A 162 8.63 8.67 8.46
N ILE A 163 7.87 7.78 9.09
CA ILE A 163 7.82 6.41 8.58
C ILE A 163 7.19 6.34 7.18
N ILE A 164 6.22 7.23 6.92
CA ILE A 164 5.63 7.33 5.59
C ILE A 164 6.68 7.82 4.59
N LEU A 165 7.38 8.89 4.94
CA LEU A 165 8.47 9.42 4.10
C LEU A 165 9.47 8.34 3.71
N GLU A 166 9.85 7.51 4.67
CA GLU A 166 10.82 6.45 4.44
C GLU A 166 10.25 5.31 3.62
N ALA A 167 8.98 4.99 3.86
CA ALA A 167 8.29 3.92 3.13
C ALA A 167 8.20 4.25 1.64
N GLU A 168 7.92 5.52 1.34
CA GLU A 168 7.72 5.96 -0.04
C GLU A 168 9.01 6.02 -0.84
N LYS A 169 10.14 6.06 -0.15
CA LYS A 169 11.45 6.01 -0.78
C LYS A 169 11.73 4.65 -1.44
N MET A 170 10.87 3.66 -1.18
CA MET A 170 10.83 2.43 -1.99
C MET A 170 9.39 2.03 -2.31
N GLN A 176 0.78 -2.84 -4.28
CA GLN A 176 0.72 -4.17 -4.94
C GLN A 176 -0.69 -4.77 -4.99
N GLY A 177 -1.41 -4.72 -3.87
CA GLY A 177 -2.76 -5.30 -3.77
C GLY A 177 -3.84 -4.27 -4.08
N LYS A 178 -4.84 -4.67 -4.87
CA LYS A 178 -5.88 -3.75 -5.34
C LYS A 178 -7.18 -3.93 -4.56
N SER A 179 -7.85 -2.82 -4.26
CA SER A 179 -9.08 -2.84 -3.46
C SER A 179 -10.36 -2.94 -4.29
N SER A 180 -10.25 -2.75 -5.61
CA SER A 180 -11.40 -2.82 -6.48
C SER A 180 -11.36 -4.08 -7.35
N LYS B 6 5.22 12.05 -34.37
CA LYS B 6 4.80 11.23 -33.20
C LYS B 6 3.28 11.18 -33.04
N ASP B 7 2.61 12.31 -33.28
CA ASP B 7 1.15 12.36 -33.32
C ASP B 7 0.58 11.48 -34.44
N GLU B 8 1.24 11.49 -35.58
CA GLU B 8 0.85 10.67 -36.72
C GLU B 8 1.06 9.18 -36.45
N ARG B 9 2.20 8.85 -35.86
CA ARG B 9 2.52 7.45 -35.53
C ARG B 9 1.52 6.88 -34.51
N ALA B 10 1.13 7.71 -33.54
CA ALA B 10 0.14 7.33 -32.53
C ALA B 10 -1.22 6.99 -33.15
N ARG B 11 -1.64 7.79 -34.13
CA ARG B 11 -2.88 7.55 -34.88
C ARG B 11 -2.82 6.25 -35.68
N GLU B 12 -1.68 5.99 -36.29
CA GLU B 12 -1.48 4.77 -37.08
C GLU B 12 -1.57 3.52 -36.21
N ILE B 13 -0.93 3.57 -35.04
CA ILE B 13 -0.97 2.46 -34.08
C ILE B 13 -2.41 2.23 -33.63
N LEU B 14 -3.09 3.32 -33.26
CA LEU B 14 -4.49 3.26 -32.84
C LEU B 14 -5.42 2.64 -33.90
N ARG B 15 -5.25 3.07 -35.15
CA ARG B 15 -6.06 2.55 -36.26
C ARG B 15 -5.90 1.04 -36.43
N GLY B 16 -4.68 0.55 -36.20
CA GLY B 16 -4.38 -0.87 -36.38
C GLY B 16 -4.50 -1.71 -35.12
N PHE B 17 -4.91 -1.10 -34.02
CA PHE B 17 -5.00 -1.81 -32.74
C PHE B 17 -6.43 -2.16 -32.39
N LYS B 18 -6.63 -3.41 -31.95
CA LYS B 18 -7.93 -3.87 -31.48
C LYS B 18 -7.82 -4.94 -30.39
N LEU B 19 -8.78 -4.91 -29.47
CA LEU B 19 -8.95 -5.96 -28.48
C LEU B 19 -9.98 -6.96 -29.01
N ASN B 20 -9.55 -8.20 -29.18
CA ASN B 20 -10.40 -9.27 -29.73
C ASN B 20 -11.28 -9.93 -28.69
N TRP B 21 -10.68 -10.30 -27.56
CA TRP B 21 -11.40 -10.88 -26.43
C TRP B 21 -10.64 -10.68 -25.13
N MET B 22 -11.33 -10.84 -24.00
CA MET B 22 -10.71 -10.69 -22.68
C MET B 22 -11.38 -11.61 -21.66
N ASN B 23 -10.57 -12.17 -20.76
CA ASN B 23 -11.02 -13.07 -19.69
C ASN B 23 -10.61 -12.49 -18.33
N LEU B 24 -11.40 -12.75 -17.31
CA LEU B 24 -10.93 -12.65 -15.92
C LEU B 24 -11.09 -14.01 -15.28
N ARG B 25 -10.00 -14.53 -14.73
CA ARG B 25 -9.99 -15.88 -14.14
C ARG B 25 -9.52 -15.83 -12.70
N ASP B 26 -10.06 -16.72 -11.85
CA ASP B 26 -9.48 -16.95 -10.54
C ASP B 26 -8.06 -17.48 -10.78
N ALA B 27 -7.04 -16.79 -10.26
CA ALA B 27 -5.65 -17.10 -10.58
C ALA B 27 -5.22 -18.48 -10.12
N GLU B 28 -5.83 -18.97 -9.04
CA GLU B 28 -5.48 -20.27 -8.48
C GLU B 28 -5.98 -21.40 -9.36
N THR B 29 -7.24 -21.29 -9.77
CA THR B 29 -7.95 -22.37 -10.47
C THR B 29 -7.97 -22.23 -11.98
N GLY B 30 -7.79 -21.02 -12.47
CA GLY B 30 -7.91 -20.75 -13.90
C GLY B 30 -9.36 -20.72 -14.36
N LYS B 31 -10.30 -20.88 -13.43
CA LYS B 31 -11.74 -20.81 -13.75
C LYS B 31 -12.12 -19.41 -14.21
N ILE B 32 -12.76 -19.33 -15.38
CA ILE B 32 -13.19 -18.05 -15.95
C ILE B 32 -14.39 -17.52 -15.16
N LEU B 33 -14.28 -16.27 -14.69
CA LEU B 33 -15.36 -15.66 -13.91
C LEU B 33 -16.13 -14.65 -14.75
N TRP B 34 -15.47 -14.12 -15.78
CA TRP B 34 -16.03 -13.10 -16.66
C TRP B 34 -15.27 -13.14 -17.97
N GLN B 35 -16.00 -12.92 -19.07
CA GLN B 35 -15.37 -12.82 -20.39
C GLN B 35 -16.16 -11.89 -21.30
N GLY B 36 -15.50 -11.29 -22.28
CA GLY B 36 -16.16 -10.41 -23.23
C GLY B 36 -15.44 -10.36 -24.57
N THR B 37 -16.16 -9.95 -25.61
CA THR B 37 -15.56 -9.74 -26.93
C THR B 37 -15.72 -8.29 -27.41
N GLU B 38 -16.36 -7.46 -26.59
CA GLU B 38 -16.48 -6.04 -26.91
C GLU B 38 -15.09 -5.41 -26.84
N ASP B 39 -14.76 -4.58 -27.83
CA ASP B 39 -13.47 -3.93 -27.84
C ASP B 39 -13.51 -2.73 -26.89
N LEU B 40 -13.10 -2.96 -25.64
CA LEU B 40 -13.09 -1.94 -24.60
C LEU B 40 -11.97 -0.90 -24.76
N SER B 41 -11.13 -1.06 -25.78
CA SER B 41 -10.07 -0.10 -26.09
C SER B 41 -10.54 1.10 -26.93
N VAL B 42 -11.76 1.03 -27.46
CA VAL B 42 -12.25 2.09 -28.34
C VAL B 42 -12.44 3.41 -27.58
N PRO B 43 -11.73 4.48 -28.01
CA PRO B 43 -11.81 5.78 -27.34
C PRO B 43 -13.17 6.46 -27.54
N GLY B 44 -13.52 7.35 -26.61
CA GLY B 44 -14.64 8.28 -26.80
C GLY B 44 -16.03 7.78 -26.47
N VAL B 45 -16.14 6.49 -26.13
CA VAL B 45 -17.41 5.89 -25.71
C VAL B 45 -17.25 5.46 -24.26
N GLU B 46 -18.25 5.69 -23.42
CA GLU B 46 -18.21 5.11 -22.09
C GLU B 46 -18.77 3.69 -22.15
N HIS B 47 -17.84 2.74 -22.26
CA HIS B 47 -18.16 1.33 -22.21
C HIS B 47 -18.66 0.97 -20.82
N GLU B 48 -19.40 -0.15 -20.75
CA GLU B 48 -19.82 -0.69 -19.47
C GLU B 48 -19.46 -2.17 -19.39
N ALA B 49 -19.18 -2.65 -18.18
CA ALA B 49 -19.00 -4.07 -17.93
C ALA B 49 -19.63 -4.44 -16.60
N ARG B 50 -20.21 -5.65 -16.58
CA ARG B 50 -20.87 -6.17 -15.40
C ARG B 50 -20.04 -7.36 -14.94
N VAL B 51 -19.29 -7.17 -13.86
CA VAL B 51 -18.43 -8.24 -13.34
C VAL B 51 -19.09 -8.88 -12.11
N PRO B 52 -18.92 -10.21 -11.93
CA PRO B 52 -19.55 -10.84 -10.78
C PRO B 52 -18.94 -10.30 -9.48
N LYS B 53 -19.79 -9.95 -8.51
CA LYS B 53 -19.30 -9.37 -7.25
C LYS B 53 -18.34 -10.31 -6.51
N LYS B 54 -18.48 -11.61 -6.72
CA LYS B 54 -17.61 -12.58 -6.05
C LYS B 54 -16.15 -12.47 -6.47
N ILE B 55 -15.87 -11.75 -7.56
CA ILE B 55 -14.50 -11.52 -7.98
C ILE B 55 -13.68 -10.82 -6.89
N LEU B 56 -14.36 -10.01 -6.08
CA LEU B 56 -13.71 -9.27 -5.01
C LEU B 56 -13.23 -10.20 -3.89
N LYS B 57 -13.67 -11.46 -3.94
CA LYS B 57 -13.27 -12.47 -2.97
C LYS B 57 -12.07 -13.32 -3.42
N CYS B 58 -11.65 -13.16 -4.67
CA CYS B 58 -10.45 -13.86 -5.16
C CYS B 58 -9.20 -13.29 -4.53
N LYS B 59 -8.27 -14.16 -4.15
CA LYS B 59 -6.96 -13.71 -3.65
C LYS B 59 -6.18 -13.01 -4.76
N ALA B 60 -6.34 -13.53 -5.98
CA ALA B 60 -5.67 -12.99 -7.16
C ALA B 60 -6.47 -13.34 -8.40
N VAL B 61 -6.45 -12.40 -9.35
CA VAL B 61 -7.17 -12.57 -10.61
C VAL B 61 -6.16 -12.54 -11.76
N SER B 62 -6.29 -13.52 -12.66
CA SER B 62 -5.50 -13.54 -13.88
C SER B 62 -6.35 -12.95 -15.00
N ARG B 63 -5.84 -11.89 -15.65
CA ARG B 63 -6.56 -11.28 -16.75
C ARG B 63 -5.90 -11.62 -18.07
N GLU B 64 -6.69 -12.08 -19.04
CA GLU B 64 -6.18 -12.34 -20.40
C GLU B 64 -6.76 -11.32 -21.37
N LEU B 65 -5.86 -10.63 -22.06
CA LEU B 65 -6.25 -9.68 -23.10
C LEU B 65 -5.70 -10.17 -24.42
N ASN B 66 -6.57 -10.51 -25.34
CA ASN B 66 -6.13 -10.87 -26.68
C ASN B 66 -6.28 -9.66 -27.58
N PHE B 67 -5.17 -9.24 -28.18
CA PHE B 67 -5.14 -8.04 -28.99
C PHE B 67 -4.38 -8.25 -30.29
N SER B 68 -4.77 -7.50 -31.31
CA SER B 68 -4.07 -7.47 -32.58
C SER B 68 -3.54 -6.06 -32.81
N SER B 69 -2.42 -5.98 -33.53
CA SER B 69 -1.77 -4.70 -33.82
C SER B 69 -1.10 -4.79 -35.20
N THR B 70 -1.58 -4.00 -36.14
CA THR B 70 -0.96 -3.98 -37.46
C THR B 70 0.41 -3.32 -37.40
N GLU B 71 0.56 -2.36 -36.49
CA GLU B 71 1.82 -1.62 -36.32
C GLU B 71 2.73 -2.25 -35.26
N GLN B 72 4.03 -2.17 -35.51
CA GLN B 72 5.04 -2.58 -34.53
C GLN B 72 5.07 -1.60 -33.36
N MET B 73 5.25 -2.14 -32.15
CA MET B 73 5.48 -1.32 -30.97
C MET B 73 6.70 -1.83 -30.21
N GLU B 74 7.48 -0.90 -29.67
CA GLU B 74 8.74 -1.23 -28.98
C GLU B 74 8.51 -1.68 -27.54
N LYS B 75 7.66 -0.94 -26.84
CA LYS B 75 7.40 -1.21 -25.43
C LYS B 75 5.93 -0.92 -25.12
N PHE B 76 5.06 -1.82 -25.60
CA PHE B 76 3.63 -1.71 -25.35
C PHE B 76 3.35 -1.87 -23.85
N ARG B 77 2.56 -0.95 -23.30
CA ARG B 77 2.22 -0.97 -21.88
C ARG B 77 0.90 -0.24 -21.59
N LEU B 78 0.34 -0.52 -20.42
CA LEU B 78 -0.92 0.08 -19.99
C LEU B 78 -0.79 0.80 -18.66
N GLU B 79 -1.49 1.92 -18.55
CA GLU B 79 -1.74 2.56 -17.26
C GLU B 79 -3.24 2.58 -17.04
N GLN B 80 -3.70 2.01 -15.94
CA GLN B 80 -5.12 2.02 -15.65
C GLN B 80 -5.42 2.72 -14.35
N LYS B 81 -6.15 3.82 -14.45
CA LYS B 81 -6.57 4.57 -13.28
C LYS B 81 -8.01 4.23 -12.93
N VAL B 82 -8.20 3.81 -11.68
CA VAL B 82 -9.52 3.46 -11.18
C VAL B 82 -10.10 4.65 -10.43
N TYR B 83 -11.20 5.18 -10.96
CA TYR B 83 -11.89 6.30 -10.33
C TYR B 83 -13.12 5.82 -9.59
N PHE B 84 -13.28 6.31 -8.36
CA PHE B 84 -14.46 6.04 -7.57
C PHE B 84 -15.24 7.33 -7.36
N LYS B 85 -16.49 7.35 -7.86
CA LYS B 85 -17.32 8.56 -7.86
C LYS B 85 -16.54 9.76 -8.42
N GLY B 86 -15.80 9.49 -9.51
CA GLY B 86 -15.04 10.52 -10.23
C GLY B 86 -13.68 10.90 -9.67
N GLN B 87 -13.27 10.26 -8.57
CA GLN B 87 -12.02 10.59 -7.89
C GLN B 87 -11.06 9.42 -7.87
N CYS B 88 -9.77 9.69 -8.11
CA CYS B 88 -8.76 8.65 -8.19
C CYS B 88 -8.73 7.75 -6.95
N LEU B 89 -9.01 6.46 -7.15
CA LEU B 89 -8.96 5.48 -6.07
C LEU B 89 -7.62 4.73 -6.02
N GLU B 90 -7.19 4.22 -7.18
CA GLU B 90 -5.92 3.49 -7.28
C GLU B 90 -5.48 3.43 -8.74
N GLU B 91 -4.24 3.00 -8.95
CA GLU B 91 -3.65 2.94 -10.28
C GLU B 91 -3.00 1.58 -10.50
N TRP B 92 -3.24 0.98 -11.67
CA TRP B 92 -2.65 -0.30 -12.05
C TRP B 92 -1.70 -0.11 -13.23
N PHE B 93 -0.55 -0.76 -13.19
CA PHE B 93 0.44 -0.67 -14.27
C PHE B 93 0.79 -2.05 -14.80
N PHE B 94 0.86 -2.18 -16.12
CA PHE B 94 1.18 -3.44 -16.79
C PHE B 94 2.06 -3.20 -18.03
N GLU B 95 3.05 -4.06 -18.24
CA GLU B 95 3.93 -3.93 -19.41
C GLU B 95 3.93 -5.21 -20.26
N PHE B 96 3.76 -5.04 -21.56
CA PHE B 96 3.81 -6.17 -22.49
C PHE B 96 5.19 -6.24 -23.17
N GLY B 97 5.69 -5.10 -23.61
CA GLY B 97 6.99 -5.04 -24.30
C GLY B 97 6.85 -5.00 -25.82
N PHE B 98 7.77 -5.68 -26.51
CA PHE B 98 7.79 -5.67 -27.98
C PHE B 98 6.57 -6.34 -28.60
N VAL B 99 6.00 -5.68 -29.60
CA VAL B 99 4.88 -6.23 -30.37
C VAL B 99 5.27 -6.30 -31.85
N ILE B 100 5.23 -7.52 -32.40
CA ILE B 100 5.53 -7.78 -33.81
C ILE B 100 4.42 -7.18 -34.68
N PRO B 101 4.78 -6.47 -35.78
CA PRO B 101 3.73 -5.90 -36.63
C PRO B 101 2.83 -6.99 -37.20
N ASN B 102 1.53 -6.67 -37.32
CA ASN B 102 0.51 -7.60 -37.82
C ASN B 102 0.40 -8.93 -37.05
N SER B 103 0.61 -8.84 -35.74
CA SER B 103 0.51 -10.00 -34.86
C SER B 103 -0.73 -9.95 -34.00
N THR B 104 -1.15 -11.12 -33.54
CA THR B 104 -2.19 -11.26 -32.52
C THR B 104 -1.54 -11.91 -31.32
N ASN B 105 -1.86 -11.39 -30.14
CA ASN B 105 -1.14 -11.73 -28.92
C ASN B 105 -2.09 -11.92 -27.76
N THR B 106 -1.79 -12.88 -26.89
CA THR B 106 -2.54 -13.03 -25.65
C THR B 106 -1.67 -12.58 -24.50
N TRP B 107 -2.12 -11.50 -23.85
CA TRP B 107 -1.40 -10.89 -22.74
C TRP B 107 -2.06 -11.30 -21.44
N GLN B 108 -1.29 -12.01 -20.61
CA GLN B 108 -1.76 -12.46 -19.30
C GLN B 108 -1.14 -11.57 -18.22
N SER B 109 -2.00 -10.99 -17.38
CA SER B 109 -1.54 -10.20 -16.25
C SER B 109 -2.16 -10.68 -14.94
N LEU B 110 -1.37 -10.64 -13.87
CA LEU B 110 -1.85 -10.99 -12.54
C LEU B 110 -2.24 -9.74 -11.76
N ILE B 111 -3.45 -9.75 -11.22
CA ILE B 111 -3.92 -8.67 -10.36
C ILE B 111 -4.19 -9.22 -8.96
N GLU B 112 -3.37 -8.83 -7.99
CA GLU B 112 -3.49 -9.34 -6.63
C GLU B 112 -4.43 -8.47 -5.81
N ALA B 113 -5.26 -9.11 -4.99
CA ALA B 113 -6.18 -8.39 -4.14
C ALA B 113 -5.46 -7.78 -2.95
N ALA B 114 -6.00 -6.69 -2.46
CA ALA B 114 -5.60 -6.13 -1.18
C ALA B 114 -6.01 -7.12 -0.08
N PRO B 115 -5.49 -6.94 1.15
CA PRO B 115 -5.95 -7.79 2.25
C PRO B 115 -7.47 -7.76 2.37
N GLU B 116 -8.07 -8.88 2.78
CA GLU B 116 -9.54 -9.01 2.75
C GLU B 116 -10.27 -7.88 3.48
N SER B 117 -9.73 -7.45 4.63
CA SER B 117 -10.36 -6.40 5.42
C SER B 117 -10.24 -5.03 4.76
N GLN B 118 -9.47 -4.95 3.68
CA GLN B 118 -9.19 -3.69 3.02
C GLN B 118 -9.89 -3.55 1.67
N MET B 119 -10.58 -4.60 1.25
CA MET B 119 -11.30 -4.59 -0.02
C MET B 119 -12.52 -3.66 0.05
N MET B 120 -12.78 -2.95 -1.04
CA MET B 120 -13.97 -2.10 -1.17
C MET B 120 -15.19 -3.00 -1.39
N PRO B 121 -16.31 -2.71 -0.70
CA PRO B 121 -17.51 -3.55 -0.84
C PRO B 121 -18.19 -3.35 -2.20
N ALA B 122 -18.71 -4.44 -2.76
CA ALA B 122 -19.40 -4.39 -4.05
C ALA B 122 -20.53 -3.37 -4.06
N SER B 123 -21.29 -3.30 -2.95
CA SER B 123 -22.45 -2.41 -2.84
C SER B 123 -22.07 -0.94 -3.01
N VAL B 124 -20.84 -0.61 -2.60
CA VAL B 124 -20.31 0.74 -2.69
C VAL B 124 -19.73 1.00 -4.09
N LEU B 125 -18.98 0.02 -4.61
CA LEU B 125 -18.30 0.16 -5.89
C LEU B 125 -19.23 0.18 -7.09
N THR B 126 -20.29 -0.61 -7.02
CA THR B 126 -21.10 -0.89 -8.22
C THR B 126 -21.70 0.35 -8.88
N GLY B 127 -21.38 0.54 -10.16
CA GLY B 127 -21.87 1.68 -10.93
C GLY B 127 -21.12 2.97 -10.64
N ASN B 128 -20.21 2.94 -9.67
CA ASN B 128 -19.46 4.12 -9.24
C ASN B 128 -17.99 4.07 -9.64
N VAL B 129 -17.59 3.00 -10.32
CA VAL B 129 -16.21 2.83 -10.75
C VAL B 129 -16.08 3.10 -12.25
N ILE B 130 -15.11 3.93 -12.60
CA ILE B 130 -14.70 4.10 -14.00
C ILE B 130 -13.20 3.77 -14.08
N ILE B 131 -12.85 2.84 -14.95
CA ILE B 131 -11.44 2.55 -15.22
C ILE B 131 -11.04 3.27 -16.50
N GLU B 132 -10.08 4.18 -16.37
CA GLU B 132 -9.51 4.87 -17.52
C GLU B 132 -8.20 4.19 -17.90
N THR B 133 -8.16 3.64 -19.11
CA THR B 133 -6.98 2.92 -19.58
C THR B 133 -6.23 3.76 -20.61
N LYS B 134 -4.95 3.96 -20.34
CA LYS B 134 -4.08 4.65 -21.29
C LYS B 134 -3.16 3.62 -21.92
N PHE B 135 -3.16 3.61 -23.24
CA PHE B 135 -2.36 2.67 -24.02
C PHE B 135 -1.12 3.40 -24.50
N PHE B 136 0.06 2.86 -24.17
CA PHE B 136 1.34 3.52 -24.48
C PHE B 136 2.24 2.61 -25.31
N ASP B 137 3.01 3.21 -26.21
CA ASP B 137 4.23 2.58 -26.68
C ASP B 137 5.36 3.37 -26.07
N ASP B 138 5.98 2.82 -25.03
CA ASP B 138 6.99 3.54 -24.28
C ASP B 138 6.37 4.81 -23.69
N ASP B 139 6.86 5.97 -24.12
CA ASP B 139 6.33 7.25 -23.63
C ASP B 139 5.28 7.88 -24.55
N LEU B 140 4.99 7.24 -25.68
CA LEU B 140 4.00 7.76 -26.62
C LEU B 140 2.60 7.30 -26.23
N LEU B 141 1.72 8.25 -25.88
CA LEU B 141 0.32 7.94 -25.60
C LEU B 141 -0.43 7.69 -26.90
N VAL B 142 -0.82 6.43 -27.09
CA VAL B 142 -1.54 6.02 -28.30
C VAL B 142 -3.01 6.39 -28.17
N SER B 143 -3.64 5.94 -27.08
CA SER B 143 -5.08 6.08 -26.92
C SER B 143 -5.51 5.95 -25.46
N THR B 144 -6.74 6.37 -25.21
CA THR B 144 -7.32 6.31 -23.88
C THR B 144 -8.77 5.86 -24.03
N SER B 145 -9.19 4.94 -23.16
CA SER B 145 -10.58 4.49 -23.13
C SER B 145 -11.11 4.47 -21.70
N ARG B 146 -12.43 4.37 -21.56
CA ARG B 146 -13.07 4.32 -20.25
C ARG B 146 -14.13 3.25 -20.20
N VAL B 147 -14.18 2.53 -19.08
CA VAL B 147 -15.21 1.52 -18.84
C VAL B 147 -15.81 1.74 -17.46
N ARG B 148 -17.14 1.84 -17.38
CA ARG B 148 -17.84 1.88 -16.10
C ARG B 148 -18.14 0.45 -15.64
N LEU B 149 -17.85 0.18 -14.37
CA LEU B 149 -18.01 -1.17 -13.82
C LEU B 149 -19.19 -1.30 -12.88
N PHE B 150 -19.95 -2.38 -13.08
CA PHE B 150 -20.98 -2.81 -12.15
C PHE B 150 -20.51 -4.12 -11.54
N TYR B 151 -20.68 -4.24 -10.23
CA TYR B 151 -20.28 -5.46 -9.51
C TYR B 151 -21.57 -6.13 -9.06
N VAL B 152 -21.92 -7.21 -9.74
CA VAL B 152 -23.30 -7.73 -9.72
C VAL B 152 -23.42 -9.16 -9.16
#